data_6HGJ
#
_entry.id   6HGJ
#
_cell.length_a   69.404
_cell.length_b   77.721
_cell.length_c   79.470
_cell.angle_alpha   90.00
_cell.angle_beta   90.00
_cell.angle_gamma   90.00
#
_symmetry.space_group_name_H-M   'P 21 21 21'
#
loop_
_entity.id
_entity.type
_entity.pdbx_description
1 polymer Alpha-1-antichymotrypsin
2 polymer Alpha-1-antichymotrypsin
3 non-polymer ALDOSTERONE
4 non-polymer 1,2-ETHANEDIOL
5 water water
#
loop_
_entity_poly.entity_id
_entity_poly.type
_entity_poly.pdbx_seq_one_letter_code
_entity_poly.pdbx_strand_id
1 'polypeptide(L)'
;MKHHHHHHMKQNSPLDEENLTQENQDRGTHVDRGLASANVDFAFSLYKQLVLKAPDKNVIFSPVSISTALAFLSLGAHNT
TLTEILKGLKFNLTETSEAEIHQSFQHLLRTLNQSSDELQLSMGNAMFVKEQLSLLDRFTEDAKRLYGSEAFATDFQDSA
AAKKLINDYVKNGTRGKITDLIKDLDSQTMMVLVNYIFFKAKWEMPFDPQDTHQSRFYLSKKKWVMVPMMSLHHLTIPYF
RDEELSCTVVQLNYTGNASVFFILPDQDKMEEVEAMLSRETLARWGDSLEFREIGELYLPKFSISRDYNLNDILLQLGIE
EAFTSKADLSGITGARNLAVSQVVHKAVLDVFEEGTEASAATAVKITLL
;
A
2 'polypeptide(L)' SALVETRTIVRFNRPFLMIIVDHFTWSIFFMSKVTNPKQA B
#
# COMPACT_ATOMS: atom_id res chain seq x y z
N VAL A 31 -9.70 18.02 -0.39
CA VAL A 31 -9.76 16.56 -0.29
C VAL A 31 -10.82 16.01 -1.24
N ASP A 32 -10.47 14.94 -1.96
CA ASP A 32 -11.45 14.17 -2.74
C ASP A 32 -12.12 13.18 -1.82
N ARG A 33 -13.31 13.53 -1.32
CA ARG A 33 -13.98 12.69 -0.34
C ARG A 33 -14.37 11.34 -0.91
N GLY A 34 -14.84 11.33 -2.17
CA GLY A 34 -15.26 10.08 -2.79
C GLY A 34 -14.11 9.11 -3.02
N LEU A 35 -12.99 9.61 -3.53
CA LEU A 35 -11.84 8.72 -3.77
C LEU A 35 -11.27 8.22 -2.45
N ALA A 36 -11.15 9.11 -1.46
CA ALA A 36 -10.57 8.72 -0.19
C ALA A 36 -11.43 7.69 0.52
N SER A 37 -12.76 7.79 0.38
CA SER A 37 -13.62 6.81 1.05
C SER A 37 -13.50 5.43 0.39
N ALA A 38 -13.46 5.37 -0.94
CA ALA A 38 -13.24 4.09 -1.60
C ALA A 38 -11.86 3.52 -1.29
N ASN A 39 -10.82 4.35 -1.40
CA ASN A 39 -9.46 3.84 -1.18
C ASN A 39 -9.24 3.41 0.27
N VAL A 40 -9.90 4.05 1.23
CA VAL A 40 -9.76 3.63 2.63
C VAL A 40 -10.57 2.34 2.90
N ASP A 41 -11.79 2.25 2.36
CA ASP A 41 -12.52 0.98 2.43
C ASP A 41 -11.71 -0.15 1.83
N PHE A 42 -11.08 0.10 0.68
CA PHE A 42 -10.30 -0.93 0.00
C PHE A 42 -9.10 -1.34 0.84
N ALA A 43 -8.41 -0.37 1.46
CA ALA A 43 -7.26 -0.66 2.31
C ALA A 43 -7.62 -1.66 3.39
N PHE A 44 -8.71 -1.40 4.11
CA PHE A 44 -9.05 -2.27 5.23
C PHE A 44 -9.63 -3.59 4.75
N SER A 45 -10.33 -3.59 3.61
CA SER A 45 -10.78 -4.87 3.07
C SER A 45 -9.60 -5.73 2.66
N LEU A 46 -8.60 -5.13 2.01
CA LEU A 46 -7.39 -5.87 1.66
C LEU A 46 -6.65 -6.34 2.91
N TYR A 47 -6.52 -5.48 3.90
CA TYR A 47 -5.83 -5.86 5.12
C TYR A 47 -6.46 -7.12 5.72
N LYS A 48 -7.78 -7.13 5.85
CA LYS A 48 -8.42 -8.26 6.49
C LYS A 48 -8.19 -9.56 5.72
N GLN A 49 -8.22 -9.51 4.39
CA GLN A 49 -7.96 -10.71 3.61
C GLN A 49 -6.52 -11.18 3.76
N LEU A 50 -5.56 -10.25 3.82
CA LEU A 50 -4.15 -10.63 3.99
C LEU A 50 -3.91 -11.32 5.34
N VAL A 51 -4.52 -10.80 6.40
CA VAL A 51 -4.34 -11.41 7.71
C VAL A 51 -5.07 -12.75 7.77
N LEU A 52 -6.22 -12.86 7.10
CA LEU A 52 -6.91 -14.16 7.06
C LEU A 52 -6.03 -15.19 6.38
N LYS A 53 -5.31 -14.79 5.33
CA LYS A 53 -4.49 -15.71 4.56
C LYS A 53 -3.25 -16.13 5.34
N ALA A 54 -2.67 -15.22 6.12
CA ALA A 54 -1.43 -15.51 6.86
C ALA A 54 -1.50 -14.83 8.23
N PRO A 55 -2.22 -15.45 9.18
CA PRO A 55 -2.54 -14.74 10.44
C PRO A 55 -1.34 -14.52 11.36
N ASP A 56 -0.26 -15.26 11.17
CA ASP A 56 0.91 -15.14 12.03
C ASP A 56 1.99 -14.20 11.49
N LYS A 57 1.80 -13.60 10.32
CA LYS A 57 2.89 -12.89 9.65
C LYS A 57 2.78 -11.38 9.84
N ASN A 58 3.94 -10.71 9.81
CA ASN A 58 3.95 -9.26 9.57
C ASN A 58 3.14 -8.94 8.31
N VAL A 59 2.49 -7.78 8.33
CA VAL A 59 1.80 -7.24 7.17
C VAL A 59 2.48 -5.92 6.82
N ILE A 60 2.79 -5.73 5.54
CA ILE A 60 3.15 -4.39 5.09
C ILE A 60 2.78 -4.29 3.61
N PHE A 61 1.96 -3.30 3.27
CA PHE A 61 1.59 -3.09 1.88
C PHE A 61 1.20 -1.64 1.67
N SER A 62 1.11 -1.25 0.40
CA SER A 62 0.65 0.09 0.07
C SER A 62 -0.73 -0.01 -0.54
N PRO A 63 -1.80 0.36 0.17
CA PRO A 63 -3.13 0.32 -0.44
C PRO A 63 -3.25 1.21 -1.66
N VAL A 64 -2.70 2.43 -1.58
CA VAL A 64 -2.85 3.37 -2.69
C VAL A 64 -2.09 2.88 -3.93
N SER A 65 -0.97 2.18 -3.76
CA SER A 65 -0.31 1.57 -4.92
C SER A 65 -1.21 0.54 -5.60
N ILE A 66 -1.84 -0.34 -4.81
CA ILE A 66 -2.68 -1.38 -5.41
C ILE A 66 -3.93 -0.77 -6.02
N SER A 67 -4.57 0.19 -5.33
CA SER A 67 -5.73 0.88 -5.89
C SER A 67 -5.40 1.53 -7.22
N THR A 68 -4.27 2.22 -7.30
CA THR A 68 -3.90 2.90 -8.54
C THR A 68 -3.61 1.90 -9.65
N ALA A 69 -2.88 0.82 -9.34
CA ALA A 69 -2.59 -0.18 -10.36
C ALA A 69 -3.86 -0.81 -10.91
N LEU A 70 -4.83 -1.10 -10.04
CA LEU A 70 -6.08 -1.72 -10.48
C LEU A 70 -6.97 -0.70 -11.19
N ALA A 71 -6.96 0.56 -10.74
CA ALA A 71 -7.63 1.61 -11.51
C ALA A 71 -7.05 1.73 -12.91
N PHE A 72 -5.72 1.71 -13.00
CA PHE A 72 -5.03 1.71 -14.29
C PHE A 72 -5.50 0.52 -15.14
N LEU A 73 -5.55 -0.67 -14.54
CA LEU A 73 -6.06 -1.83 -15.27
C LEU A 73 -7.49 -1.59 -15.78
N SER A 74 -8.34 -0.96 -14.97
CA SER A 74 -9.74 -0.84 -15.35
C SER A 74 -9.92 0.10 -16.54
N LEU A 75 -8.94 0.96 -16.79
CA LEU A 75 -8.98 1.84 -17.95
C LEU A 75 -9.23 1.05 -19.23
N GLY A 76 -8.68 -0.15 -19.34
CA GLY A 76 -8.86 -0.99 -20.50
C GLY A 76 -9.95 -2.03 -20.39
N ALA A 77 -10.68 -2.06 -19.28
CA ALA A 77 -11.66 -3.10 -19.01
C ALA A 77 -13.04 -2.69 -19.51
N HIS A 78 -13.85 -3.69 -19.89
CA HIS A 78 -15.22 -3.46 -20.30
C HIS A 78 -16.16 -4.42 -19.59
N ASN A 79 -17.42 -4.02 -19.50
CA ASN A 79 -18.54 -4.89 -19.09
C ASN A 79 -18.26 -5.48 -17.71
N THR A 80 -18.50 -6.77 -17.49
CA THR A 80 -18.40 -7.31 -16.14
C THR A 80 -16.98 -7.24 -15.61
N THR A 81 -15.97 -7.37 -16.48
CA THR A 81 -14.59 -7.24 -16.02
C THR A 81 -14.38 -5.88 -15.38
N LEU A 82 -14.86 -4.82 -16.05
CA LEU A 82 -14.73 -3.47 -15.54
C LEU A 82 -15.47 -3.29 -14.23
N THR A 83 -16.76 -3.63 -14.19
CA THR A 83 -17.55 -3.34 -13.00
C THR A 83 -17.06 -4.10 -11.78
N GLU A 84 -16.54 -5.33 -11.97
CA GLU A 84 -15.97 -6.06 -10.85
C GLU A 84 -14.77 -5.32 -10.26
N ILE A 85 -13.90 -4.80 -11.12
CA ILE A 85 -12.72 -4.07 -10.66
C ILE A 85 -13.13 -2.84 -9.87
N LEU A 86 -14.05 -2.03 -10.42
CA LEU A 86 -14.42 -0.77 -9.78
C LEU A 86 -15.15 -1.02 -8.47
N LYS A 87 -16.05 -2.01 -8.44
CA LYS A 87 -16.70 -2.37 -7.19
C LYS A 87 -15.72 -2.99 -6.22
N GLY A 88 -14.81 -3.83 -6.72
CA GLY A 88 -13.79 -4.42 -5.86
C GLY A 88 -12.91 -3.37 -5.21
N LEU A 89 -12.69 -2.26 -5.92
CA LEU A 89 -11.99 -1.09 -5.37
C LEU A 89 -12.86 -0.26 -4.44
N LYS A 90 -14.12 -0.67 -4.24
CA LYS A 90 -15.06 -0.08 -3.28
C LYS A 90 -15.65 1.24 -3.77
N PHE A 91 -15.68 1.43 -5.08
CA PHE A 91 -16.41 2.56 -5.63
C PHE A 91 -17.90 2.24 -5.71
N ASN A 92 -18.73 3.22 -5.40
CA ASN A 92 -20.19 3.10 -5.51
C ASN A 92 -20.56 3.58 -6.90
N LEU A 93 -20.83 2.64 -7.81
CA LEU A 93 -21.04 3.01 -9.19
C LEU A 93 -22.40 3.67 -9.42
N THR A 94 -23.32 3.58 -8.45
CA THR A 94 -24.56 4.34 -8.52
C THR A 94 -24.38 5.81 -8.17
N GLU A 95 -23.18 6.22 -7.74
CA GLU A 95 -22.93 7.61 -7.39
C GLU A 95 -21.67 8.15 -8.07
N THR A 96 -21.00 7.36 -8.88
CA THR A 96 -19.84 7.84 -9.61
C THR A 96 -19.76 7.07 -10.92
N SER A 97 -18.95 7.58 -11.84
CA SER A 97 -18.77 6.94 -13.14
C SER A 97 -17.29 6.65 -13.36
N GLU A 98 -17.02 5.79 -14.35
CA GLU A 98 -15.65 5.43 -14.67
C GLU A 98 -14.81 6.65 -15.00
N ALA A 99 -15.36 7.60 -15.75
CA ALA A 99 -14.57 8.78 -16.12
C ALA A 99 -14.23 9.63 -14.90
N GLU A 100 -15.17 9.75 -13.96
CA GLU A 100 -14.88 10.47 -12.72
C GLU A 100 -13.80 9.76 -11.91
N ILE A 101 -13.87 8.42 -11.87
CA ILE A 101 -12.87 7.66 -11.13
C ILE A 101 -11.47 7.93 -11.70
N HIS A 102 -11.33 7.82 -13.02
CA HIS A 102 -10.02 8.03 -13.64
C HIS A 102 -9.52 9.46 -13.42
N GLN A 103 -10.42 10.45 -13.52
CA GLN A 103 -10.01 11.82 -13.24
C GLN A 103 -9.54 11.96 -11.79
N SER A 104 -10.24 11.32 -10.85
CA SER A 104 -9.84 11.37 -9.45
C SER A 104 -8.44 10.78 -9.26
N PHE A 105 -8.12 9.68 -9.95
CA PHE A 105 -6.77 9.14 -9.83
C PHE A 105 -5.75 10.03 -10.50
N GLN A 106 -6.10 10.62 -11.64
CA GLN A 106 -5.22 11.59 -12.28
C GLN A 106 -4.87 12.72 -11.30
N HIS A 107 -5.89 13.28 -10.62
CA HIS A 107 -5.63 14.37 -9.68
C HIS A 107 -4.84 13.89 -8.46
N LEU A 108 -5.05 12.64 -8.05
CA LEU A 108 -4.28 12.09 -6.93
C LEU A 108 -2.81 12.01 -7.27
N LEU A 109 -2.50 11.47 -8.46
CA LEU A 109 -1.11 11.33 -8.89
C LEU A 109 -0.44 12.68 -8.99
N ARG A 110 -1.15 13.67 -9.54
CA ARG A 110 -0.58 15.02 -9.61
C ARG A 110 -0.29 15.57 -8.22
N THR A 111 -1.24 15.40 -7.29
CA THR A 111 -1.02 15.88 -5.92
C THR A 111 0.13 15.16 -5.25
N LEU A 112 0.19 13.82 -5.34
CA LEU A 112 1.24 13.09 -4.65
C LEU A 112 2.63 13.45 -5.17
N ASN A 113 2.75 13.74 -6.46
CA ASN A 113 4.04 13.96 -7.07
C ASN A 113 4.46 15.43 -7.09
N GLN A 114 3.74 16.31 -6.40
CA GLN A 114 4.15 17.70 -6.39
C GLN A 114 5.44 17.87 -5.60
N SER A 115 6.27 18.80 -6.03
CA SER A 115 7.57 18.99 -5.40
C SER A 115 7.41 19.37 -3.92
N SER A 116 8.35 18.90 -3.11
CA SER A 116 8.34 19.16 -1.68
C SER A 116 9.76 19.32 -1.16
N ASP A 117 9.94 20.25 -0.24
CA ASP A 117 11.23 20.44 0.42
C ASP A 117 11.36 19.64 1.71
N GLU A 118 10.27 19.06 2.20
CA GLU A 118 10.28 18.43 3.52
C GLU A 118 10.30 16.90 3.45
N LEU A 119 9.56 16.31 2.53
CA LEU A 119 9.32 14.88 2.54
C LEU A 119 9.43 14.36 1.11
N GLN A 120 10.05 13.20 0.94
CA GLN A 120 10.21 12.61 -0.38
C GLN A 120 9.04 11.67 -0.64
N LEU A 121 8.30 11.94 -1.71
CA LEU A 121 7.15 11.11 -2.07
C LEU A 121 7.04 11.09 -3.57
N SER A 122 6.95 9.89 -4.14
CA SER A 122 6.90 9.76 -5.59
C SER A 122 6.03 8.55 -5.90
N MET A 123 5.18 8.68 -6.92
CA MET A 123 4.41 7.53 -7.39
C MET A 123 4.39 7.57 -8.91
N GLY A 124 4.74 6.44 -9.52
CA GLY A 124 4.79 6.35 -10.96
C GLY A 124 4.07 5.11 -11.46
N ASN A 125 3.61 5.20 -12.71
CA ASN A 125 2.98 4.09 -13.40
C ASN A 125 3.68 3.91 -14.74
N ALA A 126 3.75 2.66 -15.18
CA ALA A 126 4.37 2.31 -16.45
C ALA A 126 3.62 1.14 -17.06
N MET A 127 3.67 1.03 -18.39
CA MET A 127 3.23 -0.18 -19.06
C MET A 127 4.36 -0.71 -19.95
N PHE A 128 4.58 -2.01 -19.85
CA PHE A 128 5.58 -2.74 -20.63
C PHE A 128 4.79 -3.64 -21.58
N VAL A 129 4.95 -3.42 -22.89
CA VAL A 129 4.09 -4.02 -23.91
CA VAL A 129 4.09 -4.03 -23.91
C VAL A 129 4.96 -4.72 -24.95
N LYS A 130 4.53 -5.90 -25.38
CA LYS A 130 5.17 -6.54 -26.51
C LYS A 130 5.05 -5.60 -27.71
N GLU A 131 6.16 -5.44 -28.45
CA GLU A 131 6.20 -4.46 -29.53
C GLU A 131 5.10 -4.72 -30.55
N GLN A 132 4.88 -5.98 -30.91
CA GLN A 132 3.94 -6.34 -31.95
C GLN A 132 2.48 -6.27 -31.52
N LEU A 133 2.20 -6.03 -30.23
CA LEU A 133 0.81 -6.01 -29.78
C LEU A 133 0.15 -4.70 -30.19
N SER A 134 -0.99 -4.80 -30.88
CA SER A 134 -1.68 -3.62 -31.36
C SER A 134 -2.53 -3.01 -30.25
N LEU A 135 -2.21 -1.77 -29.86
CA LEU A 135 -2.90 -1.08 -28.80
C LEU A 135 -3.78 0.03 -29.36
N LEU A 136 -4.97 0.19 -28.79
CA LEU A 136 -5.83 1.31 -29.15
C LEU A 136 -5.12 2.62 -28.84
N ASP A 137 -5.17 3.55 -29.81
CA ASP A 137 -4.59 4.88 -29.59
C ASP A 137 -5.23 5.55 -28.39
N ARG A 138 -6.54 5.36 -28.20
CA ARG A 138 -7.17 6.03 -27.08
C ARG A 138 -6.71 5.42 -25.75
N PHE A 139 -6.37 4.13 -25.73
CA PHE A 139 -5.85 3.56 -24.49
C PHE A 139 -4.50 4.16 -24.11
N THR A 140 -3.53 4.12 -25.04
CA THR A 140 -2.21 4.67 -24.74
C THR A 140 -2.27 6.15 -24.40
N GLU A 141 -3.14 6.90 -25.09
CA GLU A 141 -3.26 8.32 -24.79
C GLU A 141 -3.86 8.54 -23.40
N ASP A 142 -4.90 7.76 -23.07
CA ASP A 142 -5.52 7.89 -21.76
C ASP A 142 -4.57 7.43 -20.65
N ALA A 143 -3.78 6.40 -20.93
CA ALA A 143 -2.82 5.91 -19.94
C ALA A 143 -1.81 6.99 -19.58
N LYS A 144 -1.28 7.69 -20.58
CA LYS A 144 -0.33 8.76 -20.29
C LYS A 144 -1.02 9.93 -19.61
N ARG A 145 -2.20 10.31 -20.12
CA ARG A 145 -2.87 11.52 -19.64
C ARG A 145 -3.40 11.34 -18.22
N LEU A 146 -4.02 10.19 -17.94
CA LEU A 146 -4.67 9.96 -16.66
C LEU A 146 -3.74 9.35 -15.61
N TYR A 147 -2.87 8.41 -16.01
CA TYR A 147 -2.00 7.71 -15.04
C TYR A 147 -0.53 8.06 -15.17
N GLY A 148 -0.15 8.98 -16.05
CA GLY A 148 1.24 9.34 -16.17
C GLY A 148 2.10 8.24 -16.73
N SER A 149 1.49 7.29 -17.43
CA SER A 149 2.17 6.06 -17.83
C SER A 149 2.71 6.19 -19.24
N GLU A 150 4.00 5.91 -19.40
CA GLU A 150 4.53 5.68 -20.74
C GLU A 150 4.27 4.23 -21.16
N ALA A 151 4.56 3.93 -22.42
CA ALA A 151 4.49 2.58 -22.95
C ALA A 151 5.90 2.16 -23.35
N PHE A 152 6.46 1.19 -22.65
CA PHE A 152 7.80 0.68 -22.94
C PHE A 152 7.67 -0.58 -23.77
N ALA A 153 8.15 -0.53 -25.01
CA ALA A 153 8.24 -1.73 -25.83
C ALA A 153 9.14 -2.75 -25.13
N THR A 154 8.62 -3.95 -24.92
CA THR A 154 9.30 -4.97 -24.13
C THR A 154 9.23 -6.30 -24.85
N ASP A 155 10.38 -6.98 -24.96
CA ASP A 155 10.43 -8.30 -25.60
C ASP A 155 10.33 -9.38 -24.53
N PHE A 156 9.09 -9.79 -24.24
CA PHE A 156 8.87 -10.75 -23.17
C PHE A 156 9.38 -12.15 -23.51
N GLN A 157 9.60 -12.45 -24.78
CA GLN A 157 10.17 -13.75 -25.12
C GLN A 157 11.59 -13.88 -24.59
N ASP A 158 12.30 -12.77 -24.47
CA ASP A 158 13.55 -12.73 -23.70
C ASP A 158 13.21 -12.38 -22.24
N SER A 159 12.65 -13.39 -21.55
CA SER A 159 12.04 -13.13 -20.24
C SER A 159 13.07 -12.59 -19.24
N ALA A 160 14.30 -13.10 -19.28
CA ALA A 160 15.33 -12.59 -18.38
C ALA A 160 15.51 -11.08 -18.55
N ALA A 161 15.66 -10.63 -19.80
CA ALA A 161 15.84 -9.20 -20.05
C ALA A 161 14.57 -8.41 -19.78
N ALA A 162 13.40 -8.97 -20.09
CA ALA A 162 12.17 -8.27 -19.79
C ALA A 162 11.98 -8.15 -18.28
N LYS A 163 12.24 -9.24 -17.55
CA LYS A 163 12.19 -9.16 -16.08
C LYS A 163 13.14 -8.10 -15.56
N LYS A 164 14.36 -8.03 -16.11
CA LYS A 164 15.34 -7.05 -15.61
C LYS A 164 14.90 -5.63 -15.88
N LEU A 165 14.33 -5.37 -17.06
CA LEU A 165 13.84 -4.04 -17.37
C LEU A 165 12.79 -3.59 -16.36
N ILE A 166 11.76 -4.41 -16.15
CA ILE A 166 10.70 -4.04 -15.21
C ILE A 166 11.26 -3.85 -13.81
N ASN A 167 12.13 -4.76 -13.35
CA ASN A 167 12.65 -4.64 -12.00
C ASN A 167 13.54 -3.41 -11.87
N ASP A 168 14.29 -3.07 -12.93
CA ASP A 168 15.10 -1.86 -12.90
C ASP A 168 14.23 -0.61 -12.82
N TYR A 169 13.14 -0.58 -13.59
CA TYR A 169 12.21 0.54 -13.51
C TYR A 169 11.72 0.73 -12.08
N VAL A 170 11.35 -0.38 -11.43
CA VAL A 170 10.86 -0.32 -10.06
C VAL A 170 11.99 0.06 -9.12
N LYS A 171 13.19 -0.53 -9.31
CA LYS A 171 14.33 -0.18 -8.46
C LYS A 171 14.67 1.30 -8.60
N ASN A 172 14.65 1.84 -9.81
CA ASN A 172 14.88 3.27 -10.00
C ASN A 172 13.82 4.08 -9.27
N GLY A 173 12.56 3.70 -9.42
CA GLY A 173 11.49 4.47 -8.81
C GLY A 173 11.49 4.42 -7.30
N THR A 174 11.94 3.32 -6.70
CA THR A 174 11.96 3.18 -5.26
C THR A 174 13.35 3.42 -4.67
N ARG A 175 14.24 4.01 -5.47
CA ARG A 175 15.58 4.40 -5.01
C ARG A 175 16.32 3.19 -4.41
N GLY A 176 16.21 2.05 -5.07
CA GLY A 176 16.90 0.84 -4.65
C GLY A 176 16.16 -0.04 -3.66
N LYS A 177 14.99 0.39 -3.17
CA LYS A 177 14.38 -0.33 -2.06
C LYS A 177 13.64 -1.59 -2.50
N ILE A 178 12.90 -1.55 -3.62
CA ILE A 178 12.19 -2.71 -4.13
C ILE A 178 12.97 -3.24 -5.33
N THR A 179 13.60 -4.40 -5.18
CA THR A 179 14.52 -4.86 -6.22
C THR A 179 14.03 -6.05 -7.03
N ASP A 180 13.08 -6.82 -6.53
CA ASP A 180 12.71 -8.08 -7.17
C ASP A 180 11.19 -8.22 -7.24
N LEU A 181 10.51 -7.15 -7.67
CA LEU A 181 9.05 -7.24 -7.74
C LEU A 181 8.63 -8.38 -8.65
N ILE A 182 9.27 -8.51 -9.82
CA ILE A 182 8.98 -9.58 -10.77
C ILE A 182 9.95 -10.72 -10.49
N LYS A 183 9.42 -11.87 -10.06
CA LYS A 183 10.29 -13.03 -9.83
C LYS A 183 10.35 -13.93 -11.04
N ASP A 184 9.18 -14.24 -11.59
CA ASP A 184 9.05 -15.03 -12.81
C ASP A 184 8.16 -14.28 -13.78
N LEU A 185 8.48 -14.41 -15.03
CA LEU A 185 7.73 -13.81 -16.06
C LEU A 185 7.56 -14.77 -17.19
N ASP A 186 6.34 -15.14 -17.46
CA ASP A 186 5.99 -15.99 -18.60
C ASP A 186 6.55 -15.39 -19.89
N SER A 187 7.14 -16.25 -20.73
CA SER A 187 7.67 -15.77 -22.00
C SER A 187 6.57 -15.32 -22.96
N GLN A 188 5.32 -15.77 -22.74
CA GLN A 188 4.17 -15.39 -23.54
C GLN A 188 3.38 -14.23 -22.93
N THR A 189 3.97 -13.48 -22.01
CA THR A 189 3.33 -12.29 -21.48
C THR A 189 3.19 -11.25 -22.58
N MET A 190 2.05 -10.54 -22.59
CA MET A 190 1.78 -9.49 -23.55
C MET A 190 1.99 -8.09 -22.98
N MET A 191 1.70 -7.89 -21.69
CA MET A 191 1.71 -6.56 -21.10
C MET A 191 1.92 -6.71 -19.60
N VAL A 192 2.64 -5.77 -19.01
CA VAL A 192 2.71 -5.65 -17.56
C VAL A 192 2.45 -4.20 -17.19
N LEU A 193 1.47 -3.97 -16.33
CA LEU A 193 1.24 -2.65 -15.76
C LEU A 193 1.93 -2.61 -14.40
N VAL A 194 2.65 -1.52 -14.14
CA VAL A 194 3.43 -1.38 -12.91
C VAL A 194 3.11 -0.05 -12.26
N ASN A 195 2.94 -0.09 -10.94
CA ASN A 195 2.83 1.10 -10.11
C ASN A 195 3.90 1.01 -9.04
N TYR A 196 4.55 2.11 -8.71
CA TYR A 196 5.42 2.12 -7.54
C TYR A 196 5.14 3.35 -6.69
N ILE A 197 5.47 3.24 -5.40
CA ILE A 197 5.38 4.35 -4.47
C ILE A 197 6.65 4.37 -3.65
N PHE A 198 7.22 5.56 -3.47
CA PHE A 198 8.45 5.77 -2.73
C PHE A 198 8.19 6.86 -1.70
N PHE A 199 8.60 6.61 -0.45
CA PHE A 199 8.28 7.49 0.66
C PHE A 199 9.48 7.58 1.61
N LYS A 200 9.96 8.79 1.83
CA LYS A 200 11.00 8.94 2.86
C LYS A 200 10.76 10.24 3.61
N ALA A 201 10.74 10.15 4.93
CA ALA A 201 10.28 11.27 5.74
C ALA A 201 11.01 11.28 7.07
N LYS A 202 11.19 12.49 7.60
CA LYS A 202 11.81 12.67 8.90
C LYS A 202 10.72 12.90 9.93
N TRP A 203 10.93 12.35 11.14
CA TRP A 203 10.03 12.64 12.26
C TRP A 203 10.05 14.12 12.55
N GLU A 204 8.90 14.68 12.93
CA GLU A 204 8.90 16.02 13.48
C GLU A 204 9.72 16.08 14.77
N MET A 205 9.61 15.04 15.59
CA MET A 205 10.33 14.88 16.86
C MET A 205 11.14 13.60 16.76
N PRO A 206 12.36 13.65 16.23
CA PRO A 206 13.13 12.43 16.01
C PRO A 206 13.65 11.85 17.30
N PHE A 207 13.88 10.53 17.26
CA PHE A 207 14.46 9.81 18.37
C PHE A 207 15.96 10.04 18.43
N ASP A 208 16.51 10.13 19.65
CA ASP A 208 17.96 10.18 19.83
C ASP A 208 18.51 8.76 19.88
N PRO A 209 19.45 8.39 19.00
CA PRO A 209 19.97 7.01 19.05
C PRO A 209 20.69 6.66 20.32
N GLN A 210 21.12 7.65 21.11
CA GLN A 210 21.69 7.33 22.42
C GLN A 210 20.66 6.77 23.38
N ASP A 211 19.37 6.95 23.08
CA ASP A 211 18.29 6.44 23.92
C ASP A 211 17.70 5.14 23.38
N THR A 212 18.28 4.58 22.31
CA THR A 212 17.84 3.30 21.79
C THR A 212 18.59 2.19 22.52
N HIS A 213 17.85 1.23 23.08
CA HIS A 213 18.45 0.15 23.85
C HIS A 213 17.75 -1.16 23.51
N GLN A 214 18.53 -2.25 23.55
CA GLN A 214 17.97 -3.58 23.36
C GLN A 214 16.92 -3.85 24.41
N SER A 215 15.71 -4.20 23.98
CA SER A 215 14.60 -4.44 24.89
CA SER A 215 14.63 -4.48 24.90
C SER A 215 13.76 -5.58 24.33
N ARG A 216 12.88 -6.10 25.18
CA ARG A 216 12.00 -7.17 24.77
C ARG A 216 10.87 -6.67 23.89
N PHE A 217 10.61 -7.41 22.82
CA PHE A 217 9.39 -7.30 22.06
C PHE A 217 8.65 -8.63 22.21
N TYR A 218 7.50 -8.59 22.86
CA TYR A 218 6.76 -9.81 23.22
C TYR A 218 5.94 -10.26 22.03
N LEU A 219 6.36 -11.37 21.40
CA LEU A 219 5.53 -12.01 20.37
C LEU A 219 4.24 -12.54 20.96
N SER A 220 4.29 -13.04 22.20
CA SER A 220 3.13 -13.53 22.92
C SER A 220 3.37 -13.27 24.41
N LYS A 221 2.41 -13.68 25.25
CA LYS A 221 2.58 -13.49 26.68
C LYS A 221 3.81 -14.19 27.24
N LYS A 222 4.29 -15.26 26.59
CA LYS A 222 5.41 -16.04 27.13
C LYS A 222 6.66 -16.00 26.27
N LYS A 223 6.62 -15.37 25.09
CA LYS A 223 7.74 -15.42 24.17
C LYS A 223 8.08 -14.01 23.70
N TRP A 224 9.37 -13.71 23.59
CA TRP A 224 9.78 -12.41 23.09
C TRP A 224 11.02 -12.54 22.23
N VAL A 225 11.35 -11.45 21.54
CA VAL A 225 12.61 -11.29 20.85
C VAL A 225 13.19 -9.97 21.33
N MET A 226 14.51 -9.85 21.24
CA MET A 226 15.21 -8.62 21.60
C MET A 226 15.35 -7.72 20.38
N VAL A 227 14.94 -6.46 20.53
CA VAL A 227 15.01 -5.49 19.44
C VAL A 227 15.62 -4.21 19.98
N PRO A 228 16.19 -3.38 19.09
CA PRO A 228 16.52 -2.01 19.48
C PRO A 228 15.24 -1.23 19.74
N MET A 229 15.05 -0.80 20.98
CA MET A 229 13.87 -0.04 21.36
C MET A 229 14.25 1.43 21.42
N MET A 230 13.69 2.24 20.51
CA MET A 230 13.88 3.68 20.53
C MET A 230 12.99 4.31 21.57
N SER A 231 13.35 5.52 22.03
CA SER A 231 12.50 6.16 23.01
C SER A 231 12.51 7.67 22.82
N LEU A 232 11.36 8.27 23.12
CA LEU A 232 11.19 9.71 23.22
C LEU A 232 10.67 10.01 24.62
N HIS A 233 11.06 11.14 25.16
CA HIS A 233 10.72 11.52 26.52
C HIS A 233 10.04 12.89 26.50
N HIS A 234 9.02 13.05 27.34
CA HIS A 234 8.30 14.31 27.51
C HIS A 234 7.79 14.82 26.16
N LEU A 235 6.88 14.05 25.60
CA LEU A 235 6.28 14.28 24.29
C LEU A 235 4.82 14.65 24.48
N THR A 236 4.36 15.64 23.73
CA THR A 236 2.95 15.98 23.69
C THR A 236 2.45 15.67 22.28
N ILE A 237 1.59 14.67 22.16
CA ILE A 237 1.10 14.18 20.86
C ILE A 237 -0.35 13.81 20.99
N PRO A 238 -1.06 13.68 19.85
CA PRO A 238 -2.46 13.25 19.90
C PRO A 238 -2.56 11.80 20.34
N TYR A 239 -3.53 11.52 21.20
CA TYR A 239 -3.59 10.30 21.98
C TYR A 239 -5.05 9.93 22.21
N PHE A 240 -5.36 8.65 22.20
CA PHE A 240 -6.71 8.20 22.50
C PHE A 240 -6.66 6.77 23.02
N ARG A 241 -7.16 6.57 24.23
CA ARG A 241 -7.31 5.24 24.79
C ARG A 241 -8.71 4.76 24.41
N ASP A 242 -8.79 3.75 23.54
CA ASP A 242 -10.05 3.16 23.11
C ASP A 242 -10.38 1.99 24.05
N GLU A 243 -11.10 2.28 25.13
CA GLU A 243 -11.37 1.25 26.13
C GLU A 243 -12.32 0.18 25.61
N GLU A 244 -13.25 0.53 24.72
CA GLU A 244 -14.15 -0.50 24.20
C GLU A 244 -13.40 -1.49 23.33
N LEU A 245 -12.43 -1.02 22.54
CA LEU A 245 -11.64 -1.88 21.68
C LEU A 245 -10.34 -2.35 22.32
N SER A 246 -10.09 -2.02 23.58
CA SER A 246 -8.89 -2.44 24.31
C SER A 246 -7.60 -2.13 23.54
N CYS A 247 -7.45 -0.87 23.13
CA CYS A 247 -6.24 -0.50 22.41
C CYS A 247 -5.97 0.97 22.63
N THR A 248 -4.74 1.37 22.35
CA THR A 248 -4.30 2.75 22.49
C THR A 248 -3.85 3.26 21.11
N VAL A 249 -4.25 4.48 20.78
CA VAL A 249 -3.97 5.07 19.46
C VAL A 249 -3.19 6.35 19.70
N VAL A 250 -2.09 6.51 18.97
CA VAL A 250 -1.33 7.75 18.98
C VAL A 250 -1.04 8.11 17.53
N GLN A 251 -0.86 9.40 17.30
CA GLN A 251 -0.50 9.90 15.98
C GLN A 251 0.88 10.53 16.10
N LEU A 252 1.83 10.02 15.34
CA LEU A 252 3.14 10.65 15.26
C LEU A 252 3.23 11.39 13.94
N ASN A 253 3.97 12.49 13.94
CA ASN A 253 4.03 13.39 12.79
C ASN A 253 5.36 13.29 12.07
N TYR A 254 5.29 13.36 10.75
CA TYR A 254 6.46 13.61 9.93
C TYR A 254 6.49 15.09 9.55
N THR A 255 7.69 15.59 9.31
CA THR A 255 7.83 16.90 8.67
C THR A 255 7.25 16.81 7.26
N GLY A 256 6.27 17.64 6.98
CA GLY A 256 5.50 17.54 5.75
C GLY A 256 4.07 17.14 6.04
N ASN A 257 3.36 16.79 4.98
CA ASN A 257 1.92 16.57 5.09
C ASN A 257 1.56 15.12 5.38
N ALA A 258 2.48 14.33 5.90
CA ALA A 258 2.20 12.95 6.26
C ALA A 258 2.31 12.76 7.76
N SER A 259 1.57 11.78 8.27
CA SER A 259 1.66 11.39 9.66
C SER A 259 1.38 9.90 9.73
N VAL A 260 1.41 9.34 10.93
CA VAL A 260 1.22 7.91 11.06
C VAL A 260 0.39 7.64 12.31
N PHE A 261 -0.72 6.90 12.13
CA PHE A 261 -1.51 6.38 13.23
C PHE A 261 -0.86 5.09 13.70
N PHE A 262 -0.45 5.04 14.98
CA PHE A 262 -0.01 3.80 15.61
C PHE A 262 -1.14 3.28 16.47
N ILE A 263 -1.48 2.02 16.30
CA ILE A 263 -2.53 1.38 17.09
C ILE A 263 -1.88 0.26 17.87
N LEU A 264 -1.97 0.33 19.19
CA LEU A 264 -1.34 -0.62 20.09
C LEU A 264 -2.44 -1.38 20.84
N PRO A 265 -2.87 -2.55 20.35
CA PRO A 265 -3.84 -3.35 21.10
C PRO A 265 -3.21 -3.84 22.39
N ASP A 266 -4.03 -4.07 23.38
CA ASP A 266 -3.54 -4.64 24.59
C ASP A 266 -3.11 -6.07 24.26
N GLN A 267 -2.35 -6.68 25.16
CA GLN A 267 -1.91 -8.03 24.96
C GLN A 267 -3.04 -8.96 24.68
N ASP A 268 -2.87 -9.72 23.62
CA ASP A 268 -3.81 -10.69 23.09
C ASP A 268 -5.07 -10.09 22.49
N LYS A 269 -5.11 -8.82 22.20
CA LYS A 269 -6.33 -8.26 21.64
C LYS A 269 -6.17 -7.82 20.19
N MET A 270 -5.03 -8.13 19.56
CA MET A 270 -4.83 -7.70 18.17
C MET A 270 -5.96 -8.18 17.27
N GLU A 271 -6.37 -9.45 17.40
CA GLU A 271 -7.39 -9.93 16.48
C GLU A 271 -8.71 -9.23 16.69
N GLU A 272 -9.01 -8.87 17.94
CA GLU A 272 -10.24 -8.14 18.21
C GLU A 272 -10.20 -6.74 17.59
N VAL A 273 -9.05 -6.07 17.62
CA VAL A 273 -8.94 -4.77 16.96
C VAL A 273 -9.03 -4.92 15.46
N GLU A 274 -8.35 -5.91 14.90
CA GLU A 274 -8.35 -6.10 13.44
C GLU A 274 -9.76 -6.27 12.91
N ALA A 275 -10.61 -6.98 13.65
CA ALA A 275 -11.98 -7.22 13.21
C ALA A 275 -12.81 -5.94 13.22
N MET A 276 -12.38 -4.91 13.93
CA MET A 276 -13.06 -3.62 13.95
C MET A 276 -12.44 -2.60 13.00
N LEU A 277 -11.35 -2.94 12.33
CA LEU A 277 -10.75 -2.02 11.37
C LEU A 277 -11.73 -1.71 10.24
N SER A 278 -11.93 -0.43 9.98
CA SER A 278 -12.81 0.04 8.92
C SER A 278 -12.59 1.54 8.76
N ARG A 279 -13.18 2.10 7.70
CA ARG A 279 -13.11 3.55 7.53
C ARG A 279 -13.81 4.26 8.69
N GLU A 280 -14.93 3.71 9.17
CA GLU A 280 -15.65 4.33 10.26
C GLU A 280 -14.81 4.36 11.53
N THR A 281 -14.15 3.25 11.85
CA THR A 281 -13.31 3.20 13.04
C THR A 281 -12.15 4.17 12.92
N LEU A 282 -11.48 4.19 11.76
CA LEU A 282 -10.36 5.11 11.59
C LEU A 282 -10.82 6.55 11.74
N ALA A 283 -11.96 6.92 11.13
CA ALA A 283 -12.51 8.27 11.30
C ALA A 283 -12.80 8.56 12.76
N ARG A 284 -13.39 7.60 13.49
CA ARG A 284 -13.69 7.81 14.90
C ARG A 284 -12.41 7.99 15.70
N TRP A 285 -11.41 7.13 15.45
CA TRP A 285 -10.11 7.32 16.08
C TRP A 285 -9.57 8.72 15.81
N GLY A 286 -9.58 9.13 14.52
CA GLY A 286 -9.09 10.46 14.18
C GLY A 286 -9.82 11.54 14.94
N ASP A 287 -11.14 11.41 15.07
CA ASP A 287 -11.92 12.45 15.71
C ASP A 287 -11.81 12.41 17.24
N SER A 288 -11.32 11.31 17.80
CA SER A 288 -11.21 11.14 19.25
C SER A 288 -9.84 11.50 19.80
N LEU A 289 -8.85 11.76 18.96
CA LEU A 289 -7.51 12.04 19.45
C LEU A 289 -7.47 13.36 20.20
N GLU A 290 -6.78 13.37 21.34
CA GLU A 290 -6.58 14.57 22.13
C GLU A 290 -5.10 14.66 22.49
N PHE A 291 -4.58 15.88 22.58
CA PHE A 291 -3.18 16.03 22.96
C PHE A 291 -2.99 15.59 24.40
N ARG A 292 -1.90 14.87 24.64
CA ARG A 292 -1.58 14.39 25.97
C ARG A 292 -0.06 14.38 26.10
N GLU A 293 0.44 14.81 27.26
CA GLU A 293 1.86 14.69 27.55
C GLU A 293 2.18 13.23 27.84
N ILE A 294 3.06 12.65 27.05
CA ILE A 294 3.50 11.27 27.26
C ILE A 294 4.85 11.33 27.94
N GLY A 295 4.95 10.68 29.10
CA GLY A 295 6.24 10.64 29.79
C GLY A 295 7.31 9.95 28.99
N GLU A 296 7.01 8.75 28.49
CA GLU A 296 7.93 7.98 27.66
C GLU A 296 7.16 7.25 26.57
N LEU A 297 7.71 7.27 25.37
CA LEU A 297 7.19 6.48 24.26
C LEU A 297 8.31 5.59 23.77
N TYR A 298 8.06 4.28 23.71
CA TYR A 298 9.03 3.30 23.27
C TYR A 298 8.56 2.70 21.95
N LEU A 299 9.43 2.72 20.94
CA LEU A 299 9.09 2.28 19.59
C LEU A 299 10.27 1.49 19.03
N PRO A 300 10.06 0.26 18.58
CA PRO A 300 11.18 -0.50 18.01
C PRO A 300 11.72 0.17 16.76
N LYS A 301 13.00 -0.01 16.55
CA LYS A 301 13.64 0.27 15.27
C LYS A 301 13.59 -1.05 14.49
N PHE A 302 13.05 -1.01 13.26
CA PHE A 302 12.84 -2.27 12.59
C PHE A 302 12.76 -2.05 11.09
N SER A 303 12.97 -3.14 10.37
CA SER A 303 12.79 -3.17 8.92
C SER A 303 12.03 -4.44 8.61
N ILE A 304 10.89 -4.33 7.91
CA ILE A 304 10.13 -5.52 7.52
C ILE A 304 9.76 -5.44 6.04
N SER A 305 9.55 -6.59 5.42
CA SER A 305 9.13 -6.58 4.03
C SER A 305 8.25 -7.79 3.80
N ARG A 306 7.34 -7.66 2.84
CA ARG A 306 6.47 -8.76 2.46
C ARG A 306 6.27 -8.70 0.96
N ASP A 307 6.15 -9.86 0.34
CA ASP A 307 5.70 -9.90 -1.05
C ASP A 307 4.47 -10.77 -1.14
N TYR A 308 3.58 -10.41 -2.05
CA TYR A 308 2.26 -11.00 -2.12
C TYR A 308 1.92 -11.40 -3.54
N ASN A 309 1.31 -12.56 -3.68
CA ASN A 309 0.50 -12.90 -4.84
C ASN A 309 -0.93 -12.51 -4.49
N LEU A 310 -1.46 -11.47 -5.12
CA LEU A 310 -2.78 -10.97 -4.77
C LEU A 310 -3.93 -11.69 -5.46
N ASN A 311 -3.67 -12.74 -6.24
CA ASN A 311 -4.74 -13.35 -7.04
C ASN A 311 -5.90 -13.80 -6.15
N ASP A 312 -5.61 -14.54 -5.09
CA ASP A 312 -6.71 -15.08 -4.31
C ASP A 312 -7.41 -13.96 -3.55
N ILE A 313 -6.67 -12.93 -3.14
CA ILE A 313 -7.29 -11.82 -2.43
C ILE A 313 -8.23 -11.06 -3.35
N LEU A 314 -7.79 -10.79 -4.59
CA LEU A 314 -8.64 -10.03 -5.50
C LEU A 314 -9.90 -10.82 -5.85
N LEU A 315 -9.77 -12.13 -6.03
CA LEU A 315 -10.96 -12.93 -6.26
C LEU A 315 -11.89 -12.87 -5.04
N GLN A 316 -11.34 -12.89 -3.82
CA GLN A 316 -12.20 -12.78 -2.65
C GLN A 316 -12.92 -11.45 -2.59
N LEU A 317 -12.38 -10.45 -3.28
CA LEU A 317 -12.97 -9.15 -3.31
C LEU A 317 -13.87 -8.96 -4.47
N GLY A 318 -14.08 -10.00 -5.23
CA GLY A 318 -15.03 -9.98 -6.32
C GLY A 318 -14.44 -9.75 -7.70
N ILE A 319 -13.12 -9.58 -7.82
CA ILE A 319 -12.48 -9.32 -9.11
C ILE A 319 -12.14 -10.67 -9.71
N GLU A 320 -13.02 -11.17 -10.58
CA GLU A 320 -12.94 -12.55 -11.03
C GLU A 320 -12.76 -12.67 -12.53
N GLU A 321 -13.62 -12.01 -13.31
CA GLU A 321 -13.62 -12.24 -14.75
C GLU A 321 -12.30 -11.85 -15.41
N ALA A 322 -11.60 -10.83 -14.88
CA ALA A 322 -10.32 -10.41 -15.46
C ALA A 322 -9.30 -11.55 -15.56
N PHE A 323 -9.44 -12.59 -14.74
CA PHE A 323 -8.50 -13.71 -14.73
C PHE A 323 -8.95 -14.87 -15.60
N THR A 324 -10.15 -14.82 -16.15
CA THR A 324 -10.77 -15.98 -16.78
C THR A 324 -10.73 -15.86 -18.30
N SER A 325 -11.21 -16.93 -18.96
CA SER A 325 -11.35 -16.87 -20.41
CA SER A 325 -11.37 -16.89 -20.41
C SER A 325 -12.42 -15.88 -20.86
N LYS A 326 -13.33 -15.48 -19.97
CA LYS A 326 -14.33 -14.47 -20.24
C LYS A 326 -13.82 -13.05 -19.99
N ALA A 327 -12.53 -12.88 -19.73
CA ALA A 327 -11.98 -11.55 -19.48
C ALA A 327 -12.29 -10.60 -20.63
N ASP A 328 -12.68 -9.37 -20.29
CA ASP A 328 -12.96 -8.34 -21.27
C ASP A 328 -12.03 -7.16 -21.00
N LEU A 329 -10.87 -7.19 -21.65
CA LEU A 329 -9.93 -6.10 -21.66
C LEU A 329 -9.86 -5.45 -23.05
N SER A 330 -10.99 -5.45 -23.77
CA SER A 330 -11.02 -4.96 -25.14
C SER A 330 -10.82 -3.45 -25.24
N GLY A 331 -10.81 -2.74 -24.11
CA GLY A 331 -10.44 -1.33 -24.11
C GLY A 331 -8.96 -1.08 -24.32
N ILE A 332 -8.14 -2.12 -24.26
CA ILE A 332 -6.70 -1.99 -24.51
C ILE A 332 -6.39 -2.16 -25.99
N THR A 333 -7.02 -3.15 -26.64
CA THR A 333 -6.64 -3.58 -27.97
C THR A 333 -7.73 -3.42 -29.01
N GLY A 334 -9.00 -3.33 -28.60
CA GLY A 334 -10.12 -3.40 -29.50
C GLY A 334 -10.74 -4.77 -29.61
N ALA A 335 -10.10 -5.78 -29.04
CA ALA A 335 -10.62 -7.14 -29.07
C ALA A 335 -10.47 -7.75 -27.69
N ARG A 336 -11.26 -8.79 -27.41
CA ARG A 336 -11.15 -9.48 -26.13
C ARG A 336 -10.08 -10.56 -26.23
N ASN A 337 -8.84 -10.10 -26.35
CA ASN A 337 -7.70 -10.98 -26.59
C ASN A 337 -6.65 -10.93 -25.47
N LEU A 338 -7.00 -10.36 -24.31
CA LEU A 338 -6.06 -10.23 -23.19
C LEU A 338 -6.73 -10.64 -21.88
N ALA A 339 -5.94 -11.20 -20.97
CA ALA A 339 -6.46 -11.61 -19.67
C ALA A 339 -5.36 -11.46 -18.64
N VAL A 340 -5.75 -11.12 -17.41
CA VAL A 340 -4.78 -11.01 -16.33
C VAL A 340 -4.35 -12.41 -15.93
N SER A 341 -3.04 -12.61 -15.77
CA SER A 341 -2.56 -13.86 -15.19
C SER A 341 -2.25 -13.73 -13.70
N GLN A 342 -1.68 -12.61 -13.28
CA GLN A 342 -1.23 -12.51 -11.89
C GLN A 342 -1.13 -11.03 -11.50
N VAL A 343 -1.55 -10.70 -10.27
CA VAL A 343 -1.25 -9.40 -9.65
C VAL A 343 -0.31 -9.65 -8.46
N VAL A 344 0.83 -8.96 -8.45
CA VAL A 344 1.82 -9.12 -7.37
C VAL A 344 2.07 -7.77 -6.72
N HIS A 345 2.48 -7.81 -5.45
CA HIS A 345 2.76 -6.61 -4.68
C HIS A 345 3.93 -6.91 -3.76
N LYS A 346 4.82 -5.94 -3.62
CA LYS A 346 5.90 -6.08 -2.65
C LYS A 346 6.04 -4.75 -1.95
N ALA A 347 6.33 -4.77 -0.64
CA ALA A 347 6.45 -3.56 0.14
C ALA A 347 7.52 -3.74 1.20
N VAL A 348 8.16 -2.62 1.56
CA VAL A 348 9.20 -2.59 2.59
C VAL A 348 8.95 -1.37 3.47
N LEU A 349 9.22 -1.53 4.77
CA LEU A 349 8.99 -0.49 5.76
C LEU A 349 10.21 -0.47 6.68
N ASP A 350 10.85 0.68 6.77
CA ASP A 350 11.99 0.90 7.68
C ASP A 350 11.65 2.02 8.64
N VAL A 351 11.77 1.73 9.94
CA VAL A 351 11.45 2.69 10.98
C VAL A 351 12.69 2.82 11.87
N PHE A 352 13.17 4.05 12.03
CA PHE A 352 14.44 4.29 12.70
C PHE A 352 14.40 5.69 13.32
N GLU A 353 15.51 6.09 13.95
CA GLU A 353 15.47 7.23 14.84
C GLU A 353 15.15 8.52 14.10
N GLU A 354 15.68 8.69 12.90
CA GLU A 354 15.53 9.92 12.13
C GLU A 354 14.17 10.03 11.43
N GLY A 355 13.54 8.91 11.12
CA GLY A 355 12.30 8.98 10.35
C GLY A 355 11.82 7.61 9.87
N THR A 356 11.26 7.57 8.67
CA THR A 356 10.69 6.36 8.10
C THR A 356 10.99 6.34 6.61
N GLU A 357 11.39 5.18 6.09
CA GLU A 357 11.49 4.97 4.65
C GLU A 357 10.59 3.79 4.29
N ALA A 358 9.76 3.95 3.27
CA ALA A 358 8.85 2.87 2.90
C ALA A 358 8.62 2.96 1.40
N SER A 359 8.53 1.79 0.75
CA SER A 359 8.32 1.73 -0.68
C SER A 359 7.51 0.48 -0.99
N ALA A 360 6.86 0.50 -2.14
CA ALA A 360 6.05 -0.63 -2.55
C ALA A 360 5.85 -0.53 -4.05
N ALA A 361 5.51 -1.67 -4.64
CA ALA A 361 5.20 -1.68 -6.07
C ALA A 361 4.21 -2.78 -6.33
N THR A 362 3.40 -2.57 -7.38
CA THR A 362 2.35 -3.49 -7.77
C THR A 362 2.49 -3.77 -9.27
N ALA A 363 2.37 -5.04 -9.66
CA ALA A 363 2.43 -5.38 -11.08
C ALA A 363 1.23 -6.23 -11.46
N VAL A 364 0.67 -5.92 -12.64
CA VAL A 364 -0.44 -6.66 -13.24
C VAL A 364 0.11 -7.30 -14.50
N LYS A 365 0.27 -8.61 -14.48
CA LYS A 365 0.77 -9.34 -15.64
C LYS A 365 -0.41 -9.79 -16.49
N ILE A 366 -0.26 -9.64 -17.80
CA ILE A 366 -1.35 -9.81 -18.77
C ILE A 366 -0.83 -10.65 -19.93
N THR A 367 -1.60 -11.66 -20.33
CA THR A 367 -1.24 -12.54 -21.44
C THR A 367 -2.31 -12.44 -22.52
N LEU A 368 -2.06 -13.16 -23.62
CA LEU A 368 -3.07 -13.35 -24.63
C LEU A 368 -4.22 -14.19 -24.09
N LEU A 369 -5.38 -14.03 -24.72
CA LEU A 369 -6.57 -14.79 -24.40
C LEU A 369 -7.11 -15.37 -25.71
N ARG B 7 2.98 11.11 33.39
CA ARG B 7 2.79 9.82 34.03
C ARG B 7 2.12 8.81 33.08
N THR B 8 2.09 9.13 31.79
CA THR B 8 1.59 8.22 30.77
C THR B 8 2.76 7.61 30.01
N ILE B 9 2.75 6.30 29.86
CA ILE B 9 3.78 5.57 29.12
C ILE B 9 3.10 4.83 27.99
N VAL B 10 3.66 4.92 26.78
CA VAL B 10 3.18 4.20 25.60
C VAL B 10 4.34 3.36 25.10
N ARG B 11 4.23 2.04 25.28
CA ARG B 11 5.32 1.10 25.03
C ARG B 11 4.92 0.10 23.95
N PHE B 12 5.51 0.22 22.75
CA PHE B 12 5.22 -0.68 21.63
C PHE B 12 6.15 -1.90 21.70
N ASN B 13 5.90 -2.72 22.71
CA ASN B 13 6.69 -3.92 22.93
C ASN B 13 5.85 -5.17 22.73
N ARG B 14 4.86 -5.07 21.86
CA ARG B 14 3.97 -6.16 21.47
C ARG B 14 3.33 -5.77 20.14
N PRO B 15 2.72 -6.72 19.43
CA PRO B 15 2.20 -6.41 18.09
C PRO B 15 1.37 -5.13 18.03
N PHE B 16 1.60 -4.36 16.97
CA PHE B 16 0.92 -3.07 16.82
C PHE B 16 0.71 -2.83 15.34
N LEU B 17 -0.14 -1.85 15.03
CA LEU B 17 -0.47 -1.46 13.67
C LEU B 17 0.11 -0.08 13.38
N MET B 18 0.48 0.13 12.12
CA MET B 18 1.01 1.39 11.64
CA MET B 18 1.00 1.40 11.64
C MET B 18 0.25 1.76 10.38
N ILE B 19 -0.32 2.96 10.34
CA ILE B 19 -1.08 3.40 9.18
C ILE B 19 -0.52 4.77 8.80
N ILE B 20 0.21 4.82 7.69
CA ILE B 20 0.87 6.05 7.25
C ILE B 20 -0.11 6.77 6.31
N VAL B 21 -0.48 8.00 6.66
CA VAL B 21 -1.57 8.73 6.01
C VAL B 21 -1.07 10.08 5.51
N ASP B 22 -1.70 10.55 4.43
CA ASP B 22 -1.45 11.86 3.82
C ASP B 22 -2.53 12.84 4.30
N HIS B 23 -2.11 13.98 4.79
CA HIS B 23 -3.04 15.00 5.19
C HIS B 23 -3.82 15.60 4.03
N PHE B 24 -3.18 15.72 2.89
CA PHE B 24 -3.82 16.37 1.75
C PHE B 24 -4.93 15.51 1.14
N THR B 25 -4.62 14.26 0.83
CA THR B 25 -5.50 13.39 0.07
C THR B 25 -6.27 12.38 0.92
N TRP B 26 -5.89 12.21 2.19
CA TRP B 26 -6.39 11.14 3.04
C TRP B 26 -6.03 9.76 2.50
N SER B 27 -5.03 9.69 1.62
CA SER B 27 -4.53 8.41 1.14
C SER B 27 -3.90 7.67 2.31
N ILE B 28 -4.10 6.36 2.35
CA ILE B 28 -3.27 5.48 3.16
C ILE B 28 -2.10 5.07 2.28
N PHE B 29 -0.93 5.62 2.57
CA PHE B 29 0.28 5.29 1.84
C PHE B 29 0.73 3.87 2.14
N PHE B 30 0.76 3.53 3.43
CA PHE B 30 1.20 2.22 3.85
C PHE B 30 0.39 1.77 5.05
N MET B 31 0.10 0.48 5.09
CA MET B 31 -0.53 -0.10 6.25
C MET B 31 0.29 -1.30 6.68
N SER B 32 0.49 -1.43 7.98
CA SER B 32 1.40 -2.45 8.47
C SER B 32 0.90 -3.05 9.78
N LYS B 33 1.14 -4.35 9.95
CA LYS B 33 1.08 -4.96 11.26
C LYS B 33 2.47 -5.50 11.58
N VAL B 34 2.99 -5.10 12.72
CA VAL B 34 4.29 -5.58 13.19
C VAL B 34 3.98 -6.64 14.24
N THR B 35 3.94 -7.90 13.81
CA THR B 35 3.83 -8.99 14.77
C THR B 35 5.19 -9.39 15.30
N ASN B 36 6.23 -9.22 14.51
CA ASN B 36 7.58 -9.59 14.93
C ASN B 36 8.60 -8.79 14.14
N PRO B 37 9.25 -7.81 14.75
CA PRO B 37 10.22 -6.98 14.02
C PRO B 37 11.37 -7.78 13.42
N LYS B 38 11.70 -8.94 13.99
CA LYS B 38 12.77 -9.80 13.49
C LYS B 38 12.24 -11.05 12.81
N GLN B 39 11.06 -10.97 12.21
CA GLN B 39 10.46 -12.15 11.59
C GLN B 39 11.12 -12.46 10.25
N ALA B 40 11.23 -13.76 9.96
CA ALA B 40 11.72 -14.24 8.67
C ALA B 40 10.78 -13.80 7.53
#